data_9RQ0
#
_entry.id   9RQ0
#
_cell.length_a   67.654
_cell.length_b   89.569
_cell.length_c   44.839
_cell.angle_alpha   90.000
_cell.angle_beta   90.000
_cell.angle_gamma   90.000
#
_symmetry.space_group_name_H-M   'P 21 21 2'
#
loop_
_entity.id
_entity.type
_entity.pdbx_description
1 polymer 'FosA family fosfomycin resistance glutathione transferase'
2 non-polymer ~{N}-(3-chloranyl-4-methyl-phenyl)ethanamide
3 non-polymer 1,2-ETHANEDIOL
4 non-polymer 'MANGANESE (II) ION'
5 non-polymer 'DIMETHYL SULFOXIDE'
6 water water
#
_entity_poly.entity_id   1
_entity_poly.type   'polypeptide(L)'
_entity_poly.pdbx_seq_one_letter_code
;MLSGLNHLTLAVSQLAPSVAFYQQLLGMTLHARWDSGAYLSCGDLWLCLSLDPQRRVTPPEESDYTHYAFSISEADFASF
AARLEAAGVAVWKLNRSEGASHYFLDPDGHKLELHVGSLAQRLAACREQPYKGMVFFEQHHHHHH
;
_entity_poly.pdbx_strand_id   A,B
#
# COMPACT_ATOMS: atom_id res chain seq x y z
N MET A 1 -13.93 11.05 -9.09
CA MET A 1 -13.87 9.85 -8.20
C MET A 1 -12.41 9.53 -7.85
N LEU A 2 -12.19 8.42 -7.17
CA LEU A 2 -10.84 7.98 -6.86
C LEU A 2 -10.24 7.32 -8.10
N SER A 3 -8.92 7.53 -8.30
N SER A 3 -8.96 7.60 -8.34
CA SER A 3 -8.30 7.12 -9.54
CA SER A 3 -8.26 6.96 -9.46
C SER A 3 -7.06 6.24 -9.39
C SER A 3 -6.82 6.70 -9.05
N GLY A 4 -6.74 5.78 -8.19
N GLY A 4 -6.56 5.48 -8.60
CA GLY A 4 -5.60 4.90 -8.01
CA GLY A 4 -5.21 5.04 -8.32
C GLY A 4 -4.85 5.27 -6.75
C GLY A 4 -4.78 5.31 -6.88
N LEU A 5 -3.72 4.60 -6.50
CA LEU A 5 -2.95 4.91 -5.32
C LEU A 5 -2.07 6.13 -5.58
N ASN A 6 -2.31 7.19 -4.80
CA ASN A 6 -1.47 8.38 -4.89
C ASN A 6 -0.10 8.13 -4.29
N HIS A 7 -0.05 7.51 -3.10
CA HIS A 7 1.22 7.12 -2.51
C HIS A 7 1.00 6.04 -1.46
N LEU A 8 2.06 5.28 -1.21
CA LEU A 8 2.15 4.32 -0.13
C LEU A 8 3.12 4.88 0.88
N THR A 9 2.71 5.00 2.14
CA THR A 9 3.60 5.45 3.20
C THR A 9 3.80 4.32 4.19
N LEU A 10 5.06 3.97 4.43
CA LEU A 10 5.44 2.95 5.39
C LEU A 10 6.12 3.63 6.57
N ALA A 11 5.61 3.37 7.76
CA ALA A 11 6.29 3.81 8.97
C ALA A 11 7.53 2.93 9.18
N VAL A 12 8.66 3.56 9.48
CA VAL A 12 9.92 2.83 9.68
C VAL A 12 10.53 3.23 11.00
N SER A 13 11.22 2.29 11.64
CA SER A 13 11.84 2.56 12.93
C SER A 13 13.23 3.17 12.81
N GLN A 14 13.95 2.86 11.74
CA GLN A 14 15.29 3.39 11.51
C GLN A 14 15.36 3.81 10.05
N LEU A 15 15.54 5.11 9.81
CA LEU A 15 15.36 5.62 8.45
C LEU A 15 16.44 5.11 7.51
N ALA A 16 17.70 5.20 7.90
CA ALA A 16 18.79 4.87 6.98
C ALA A 16 18.74 3.42 6.53
N PRO A 17 18.58 2.44 7.42
N PRO A 17 18.62 2.43 7.43
CA PRO A 17 18.49 1.04 6.94
CA PRO A 17 18.48 1.04 6.95
C PRO A 17 17.30 0.80 6.05
C PRO A 17 17.30 0.84 6.03
N SER A 18 16.17 1.49 6.28
N SER A 18 16.17 1.50 6.29
CA SER A 18 15.02 1.31 5.41
CA SER A 18 15.01 1.34 5.43
C SER A 18 15.27 1.92 4.04
C SER A 18 15.27 1.92 4.05
N VAL A 19 15.86 3.12 3.99
CA VAL A 19 16.20 3.70 2.69
C VAL A 19 17.13 2.77 1.93
N ALA A 20 18.13 2.22 2.62
CA ALA A 20 19.07 1.31 1.95
C ALA A 20 18.35 0.08 1.41
N PHE A 21 17.40 -0.45 2.18
CA PHE A 21 16.65 -1.62 1.72
C PHE A 21 15.89 -1.33 0.42
N TYR A 22 15.12 -0.24 0.40
CA TYR A 22 14.28 0.04 -0.77
C TYR A 22 15.10 0.51 -1.96
N GLN A 23 16.16 1.28 -1.71
CA GLN A 23 16.97 1.83 -2.80
C GLN A 23 18.05 0.85 -3.24
N GLN A 24 18.90 0.41 -2.33
CA GLN A 24 20.02 -0.43 -2.71
C GLN A 24 19.56 -1.85 -3.04
N LEU A 25 18.78 -2.45 -2.14
CA LEU A 25 18.46 -3.86 -2.32
C LEU A 25 17.33 -4.05 -3.33
N LEU A 26 16.28 -3.24 -3.26
CA LEU A 26 15.17 -3.41 -4.17
C LEU A 26 15.28 -2.56 -5.43
N GLY A 27 16.23 -1.63 -5.50
CA GLY A 27 16.48 -0.88 -6.71
C GLY A 27 15.54 0.26 -6.99
N MET A 28 14.76 0.70 -6.02
CA MET A 28 13.89 1.83 -6.22
C MET A 28 14.71 3.12 -6.32
N THR A 29 14.09 4.15 -6.88
CA THR A 29 14.77 5.41 -7.13
C THR A 29 14.57 6.34 -5.93
N LEU A 30 15.67 6.80 -5.34
CA LEU A 30 15.61 7.73 -4.22
C LEU A 30 15.63 9.16 -4.74
N HIS A 31 14.59 9.93 -4.39
CA HIS A 31 14.46 11.31 -4.85
C HIS A 31 14.85 12.31 -3.79
N ALA A 32 14.57 12.04 -2.52
CA ALA A 32 14.90 12.97 -1.45
C ALA A 32 14.87 12.23 -0.13
N ARG A 33 15.63 12.74 0.84
N ARG A 33 15.68 12.69 0.81
CA ARG A 33 15.73 12.19 2.17
CA ARG A 33 15.61 12.21 2.18
C ARG A 33 15.92 13.35 3.14
C ARG A 33 15.80 13.40 3.10
N TRP A 34 15.20 13.31 4.27
CA TRP A 34 15.36 14.33 5.30
C TRP A 34 15.45 13.64 6.65
N ASP A 35 15.50 14.43 7.72
CA ASP A 35 15.78 13.85 9.02
C ASP A 35 14.73 12.83 9.44
N SER A 36 13.50 12.93 8.90
N SER A 36 13.50 12.93 8.91
CA SER A 36 12.40 12.09 9.36
CA SER A 36 12.43 12.05 9.37
C SER A 36 11.69 11.36 8.22
C SER A 36 11.69 11.36 8.22
N GLY A 37 12.29 11.25 7.04
CA GLY A 37 11.63 10.52 5.99
C GLY A 37 12.42 10.49 4.70
N ALA A 38 11.84 9.82 3.71
CA ALA A 38 12.42 9.75 2.39
C ALA A 38 11.30 9.55 1.37
N TYR A 39 11.53 10.04 0.17
CA TYR A 39 10.63 9.83 -0.96
C TYR A 39 11.36 9.02 -2.02
N LEU A 40 10.75 7.90 -2.44
CA LEU A 40 11.29 7.06 -3.49
C LEU A 40 10.21 6.82 -4.52
N SER A 41 10.61 6.36 -5.69
CA SER A 41 9.65 5.90 -6.69
C SER A 41 10.03 4.52 -7.20
N CYS A 42 9.02 3.79 -7.63
CA CYS A 42 9.17 2.45 -8.19
C CYS A 42 8.21 2.46 -9.37
N GLY A 43 8.73 2.68 -10.57
CA GLY A 43 7.84 3.01 -11.68
C GLY A 43 6.99 4.21 -11.33
N ASP A 44 5.66 4.06 -11.47
N ASP A 44 5.67 4.04 -11.47
CA ASP A 44 4.75 5.14 -11.14
CA ASP A 44 4.72 5.10 -11.16
C ASP A 44 4.48 5.27 -9.65
C ASP A 44 4.35 5.18 -9.68
N LEU A 45 4.94 4.33 -8.84
CA LEU A 45 4.56 4.31 -7.43
C LEU A 45 5.39 5.35 -6.68
N TRP A 46 4.71 6.20 -5.92
CA TRP A 46 5.35 7.11 -4.97
C TRP A 46 5.35 6.40 -3.62
N LEU A 47 6.55 6.09 -3.13
CA LEU A 47 6.74 5.46 -1.83
C LEU A 47 7.32 6.49 -0.88
N CYS A 48 6.70 6.64 0.28
N CYS A 48 6.68 6.66 0.26
CA CYS A 48 7.20 7.48 1.36
CA CYS A 48 7.23 7.49 1.34
C CYS A 48 7.61 6.59 2.51
C CYS A 48 7.62 6.59 2.50
N LEU A 49 8.84 6.76 3.00
CA LEU A 49 9.28 6.14 4.23
C LEU A 49 9.22 7.22 5.30
N SER A 50 8.50 6.96 6.38
CA SER A 50 8.27 7.95 7.43
C SER A 50 8.83 7.42 8.74
N LEU A 51 9.82 8.12 9.28
CA LEU A 51 10.37 7.73 10.57
C LEU A 51 9.31 7.89 11.63
N ASP A 52 9.01 6.79 12.33
CA ASP A 52 7.93 6.80 13.29
C ASP A 52 8.38 6.09 14.55
N PRO A 53 8.53 6.81 15.68
CA PRO A 53 8.92 6.12 16.92
C PRO A 53 7.96 5.03 17.34
N GLN A 54 6.73 5.03 16.81
N GLN A 54 6.73 5.03 16.81
CA GLN A 54 5.76 4.00 17.15
CA GLN A 54 5.77 4.00 17.17
C GLN A 54 5.91 2.73 16.34
C GLN A 54 5.87 2.74 16.31
N ARG A 55 6.70 2.75 15.27
CA ARG A 55 6.87 1.54 14.46
C ARG A 55 7.68 0.50 15.21
N ARG A 56 7.14 -0.72 15.27
CA ARG A 56 7.81 -1.84 15.89
C ARG A 56 8.27 -2.81 14.83
N VAL A 57 9.45 -3.39 15.05
CA VAL A 57 9.92 -4.50 14.23
C VAL A 57 9.03 -5.70 14.55
N THR A 58 8.22 -6.13 13.58
CA THR A 58 7.11 -7.03 13.86
C THR A 58 7.31 -8.37 13.19
N PRO A 59 7.40 -9.46 13.94
CA PRO A 59 7.51 -10.76 13.31
C PRO A 59 6.26 -11.06 12.51
N PRO A 60 6.40 -11.83 11.43
CA PRO A 60 5.25 -12.03 10.52
C PRO A 60 4.11 -12.80 11.14
N GLU A 61 4.38 -13.63 12.16
CA GLU A 61 3.30 -14.33 12.84
C GLU A 61 2.45 -13.40 13.71
N GLU A 62 2.92 -12.18 13.98
N GLU A 62 2.94 -12.17 13.97
CA GLU A 62 2.19 -11.24 14.82
CA GLU A 62 2.26 -11.21 14.82
C GLU A 62 1.61 -10.06 14.03
C GLU A 62 1.48 -10.16 14.02
N SER A 63 1.63 -10.12 12.71
CA SER A 63 0.87 -9.21 11.88
C SER A 63 -0.10 -9.97 10.98
N ASP A 64 -1.14 -9.27 10.54
CA ASP A 64 -2.14 -9.84 9.67
C ASP A 64 -1.60 -9.89 8.23
N TYR A 65 -2.45 -10.28 7.30
CA TYR A 65 -2.07 -10.56 5.92
C TYR A 65 -1.90 -9.31 5.07
N THR A 66 -2.11 -8.11 5.61
CA THR A 66 -1.91 -6.90 4.83
C THR A 66 -0.51 -6.90 4.23
N HIS A 67 -0.41 -6.65 2.93
CA HIS A 67 0.90 -6.72 2.27
C HIS A 67 0.92 -5.90 0.98
N TYR A 68 2.13 -5.63 0.50
CA TYR A 68 2.38 -4.74 -0.63
C TYR A 68 3.20 -5.50 -1.66
N ALA A 69 2.63 -5.66 -2.85
CA ALA A 69 3.28 -6.43 -3.91
C ALA A 69 3.81 -5.49 -4.98
N PHE A 70 5.02 -5.77 -5.46
CA PHE A 70 5.67 -4.99 -6.51
C PHE A 70 5.76 -5.83 -7.78
N SER A 71 5.57 -5.17 -8.91
CA SER A 71 5.57 -5.85 -10.19
C SER A 71 7.00 -6.13 -10.66
N ILE A 72 7.17 -7.31 -11.23
CA ILE A 72 8.44 -7.71 -11.83
C ILE A 72 8.10 -8.60 -13.02
N SER A 73 8.97 -8.56 -14.03
CA SER A 73 8.70 -9.32 -15.23
C SER A 73 8.99 -10.80 -15.01
N GLU A 74 8.40 -11.63 -15.88
CA GLU A 74 8.67 -13.07 -15.83
C GLU A 74 10.16 -13.36 -16.01
N ALA A 75 10.85 -12.56 -16.83
CA ALA A 75 12.26 -12.80 -17.08
C ALA A 75 13.13 -12.46 -15.87
N ASP A 76 12.72 -11.50 -15.04
CA ASP A 76 13.55 -11.06 -13.92
C ASP A 76 13.18 -11.70 -12.59
N PHE A 77 12.00 -12.33 -12.49
CA PHE A 77 11.44 -12.73 -11.21
C PHE A 77 12.38 -13.63 -10.41
N ALA A 78 12.80 -14.73 -11.02
CA ALA A 78 13.49 -15.75 -10.24
C ALA A 78 14.86 -15.27 -9.76
N SER A 79 15.60 -14.56 -10.59
N SER A 79 15.59 -14.57 -10.61
CA SER A 79 16.92 -14.11 -10.16
CA SER A 79 16.91 -14.07 -10.22
C SER A 79 16.82 -13.04 -9.08
C SER A 79 16.79 -13.06 -9.08
N PHE A 80 15.78 -12.20 -9.13
CA PHE A 80 15.58 -11.18 -8.09
C PHE A 80 15.23 -11.86 -6.77
N ALA A 81 14.28 -12.80 -6.79
CA ALA A 81 13.94 -13.55 -5.60
C ALA A 81 15.17 -14.26 -5.03
N ALA A 82 15.95 -14.92 -5.89
CA ALA A 82 17.11 -15.65 -5.41
C ALA A 82 18.16 -14.71 -4.80
N ARG A 83 18.29 -13.51 -5.36
CA ARG A 83 19.21 -12.53 -4.81
C ARG A 83 18.76 -12.08 -3.43
N LEU A 84 17.46 -11.84 -3.24
CA LEU A 84 16.97 -11.50 -1.90
C LEU A 84 17.25 -12.63 -0.92
N GLU A 85 16.99 -13.87 -1.34
CA GLU A 85 17.27 -15.02 -0.48
C GLU A 85 18.74 -15.08 -0.09
N ALA A 86 19.63 -14.92 -1.07
CA ALA A 86 21.06 -15.01 -0.80
C ALA A 86 21.51 -13.88 0.11
N ALA A 87 20.84 -12.73 0.07
CA ALA A 87 21.16 -11.59 0.92
C ALA A 87 20.62 -11.74 2.33
N GLY A 88 19.91 -12.82 2.62
CA GLY A 88 19.40 -13.07 3.94
C GLY A 88 18.07 -12.43 4.26
N VAL A 89 17.33 -11.96 3.25
CA VAL A 89 16.06 -11.30 3.49
C VAL A 89 15.06 -12.33 4.01
N ALA A 90 14.41 -12.00 5.12
CA ALA A 90 13.48 -12.91 5.76
C ALA A 90 12.22 -13.06 4.93
N VAL A 91 11.57 -14.22 5.06
N VAL A 91 11.55 -14.22 5.08
CA VAL A 91 10.37 -14.51 4.30
CA VAL A 91 10.39 -14.59 4.28
C VAL A 91 9.19 -14.59 5.26
C VAL A 91 9.22 -14.94 5.20
N TRP A 92 8.02 -14.78 4.68
CA TRP A 92 6.81 -14.84 5.50
C TRP A 92 5.78 -15.77 4.88
N LYS A 93 5.98 -16.23 3.65
CA LYS A 93 5.02 -17.12 3.02
C LYS A 93 5.69 -17.87 1.89
N LEU A 94 5.30 -19.13 1.73
CA LEU A 94 5.87 -20.01 0.71
C LEU A 94 4.85 -20.51 -0.30
N ASN A 95 3.62 -20.79 0.14
CA ASN A 95 2.60 -21.34 -0.75
C ASN A 95 2.16 -20.27 -1.75
N ARG A 96 2.24 -20.60 -3.04
CA ARG A 96 1.88 -19.68 -4.11
C ARG A 96 0.38 -19.80 -4.37
N SER A 97 -0.40 -19.06 -3.58
CA SER A 97 -1.85 -19.11 -3.65
C SER A 97 -2.43 -18.06 -4.59
N GLU A 98 -1.61 -17.17 -5.15
CA GLU A 98 -2.09 -16.12 -6.04
C GLU A 98 -1.12 -15.95 -7.21
N GLY A 99 -0.57 -17.06 -7.69
CA GLY A 99 0.30 -17.03 -8.85
C GLY A 99 1.78 -17.00 -8.52
N ALA A 100 2.58 -16.45 -9.43
CA ALA A 100 4.03 -16.43 -9.29
C ALA A 100 4.41 -15.27 -8.37
N SER A 101 4.73 -15.59 -7.12
CA SER A 101 5.01 -14.59 -6.11
C SER A 101 6.13 -15.06 -5.20
N HIS A 102 6.89 -14.09 -4.70
CA HIS A 102 7.90 -14.29 -3.67
C HIS A 102 7.58 -13.36 -2.51
N TYR A 103 7.47 -13.92 -1.32
CA TYR A 103 7.00 -13.19 -0.14
C TYR A 103 8.17 -12.93 0.81
N PHE A 104 8.43 -11.66 1.09
CA PHE A 104 9.60 -11.28 1.88
C PHE A 104 9.28 -10.10 2.76
N LEU A 105 10.13 -9.89 3.76
CA LEU A 105 9.91 -8.87 4.78
C LEU A 105 10.93 -7.74 4.65
N ASP A 106 10.49 -6.52 4.92
CA ASP A 106 11.39 -5.37 5.05
C ASP A 106 11.96 -5.36 6.46
N PRO A 107 12.88 -4.44 6.74
CA PRO A 107 13.58 -4.48 8.04
C PRO A 107 12.67 -4.35 9.24
N ASP A 108 11.50 -3.73 9.09
CA ASP A 108 10.55 -3.58 10.17
C ASP A 108 9.47 -4.65 10.15
N GLY A 109 9.56 -5.61 9.23
CA GLY A 109 8.53 -6.62 9.12
C GLY A 109 7.36 -6.26 8.25
N HIS A 110 7.42 -5.15 7.52
CA HIS A 110 6.38 -4.92 6.52
C HIS A 110 6.37 -6.09 5.54
N LYS A 111 5.18 -6.60 5.25
CA LYS A 111 5.04 -7.76 4.37
C LYS A 111 5.03 -7.30 2.93
N LEU A 112 6.04 -7.73 2.18
CA LEU A 112 6.23 -7.37 0.79
C LEU A 112 6.14 -8.62 -0.08
N GLU A 113 6.06 -8.40 -1.39
CA GLU A 113 5.88 -9.47 -2.35
C GLU A 113 6.41 -9.01 -3.70
N LEU A 114 7.07 -9.92 -4.40
CA LEU A 114 7.31 -9.79 -5.83
C LEU A 114 6.25 -10.60 -6.54
N HIS A 115 5.58 -10.00 -7.53
CA HIS A 115 4.56 -10.74 -8.25
C HIS A 115 4.66 -10.50 -9.76
N VAL A 116 4.51 -11.57 -10.53
CA VAL A 116 4.45 -11.52 -11.98
C VAL A 116 3.00 -11.60 -12.40
N GLY A 117 2.50 -10.56 -13.06
CA GLY A 117 1.17 -10.61 -13.64
C GLY A 117 0.22 -9.53 -13.18
N SER A 118 -0.72 -9.18 -14.06
CA SER A 118 -1.70 -8.15 -13.82
C SER A 118 -2.96 -8.73 -13.18
N LEU A 119 -3.86 -7.84 -12.77
CA LEU A 119 -5.17 -8.27 -12.27
C LEU A 119 -5.92 -9.04 -13.36
N ALA A 120 -5.89 -8.55 -14.60
CA ALA A 120 -6.58 -9.27 -15.67
C ALA A 120 -6.04 -10.69 -15.79
N GLN A 121 -4.71 -10.86 -15.70
CA GLN A 121 -4.13 -12.19 -15.81
C GLN A 121 -4.51 -13.06 -14.63
N ARG A 122 -4.57 -12.48 -13.43
N ARG A 122 -4.54 -12.47 -13.43
CA ARG A 122 -4.98 -13.25 -12.26
CA ARG A 122 -4.99 -13.18 -12.24
C ARG A 122 -6.44 -13.70 -12.39
C ARG A 122 -6.42 -13.69 -12.42
N LEU A 123 -7.31 -12.82 -12.89
CA LEU A 123 -8.71 -13.21 -13.06
C LEU A 123 -8.82 -14.34 -14.07
N ALA A 124 -8.06 -14.27 -15.17
CA ALA A 124 -8.08 -15.33 -16.16
C ALA A 124 -7.60 -16.64 -15.55
N ALA A 125 -6.52 -16.59 -14.77
CA ALA A 125 -6.03 -17.81 -14.12
C ALA A 125 -7.08 -18.35 -13.15
N CYS A 126 -7.78 -17.46 -12.45
CA CYS A 126 -8.75 -17.90 -11.46
C CYS A 126 -9.99 -18.53 -12.09
N ARG A 127 -10.32 -18.16 -13.32
CA ARG A 127 -11.43 -18.82 -13.99
C ARG A 127 -11.17 -20.31 -14.13
N GLU A 128 -9.92 -20.72 -14.34
CA GLU A 128 -9.55 -22.11 -14.45
C GLU A 128 -9.29 -22.75 -13.08
N GLN A 129 -8.70 -21.99 -12.16
CA GLN A 129 -8.36 -22.46 -10.81
C GLN A 129 -8.91 -21.46 -9.82
N PRO A 130 -10.23 -21.43 -9.65
CA PRO A 130 -10.84 -20.39 -8.83
C PRO A 130 -10.64 -20.63 -7.34
N TYR A 131 -10.63 -19.54 -6.59
N TYR A 131 -10.65 -19.52 -6.60
CA TYR A 131 -10.72 -19.62 -5.14
CA TYR A 131 -10.79 -19.61 -5.16
C TYR A 131 -12.11 -20.14 -4.77
C TYR A 131 -12.11 -20.26 -4.82
N LYS A 132 -12.20 -20.80 -3.61
CA LYS A 132 -13.47 -21.38 -3.16
C LYS A 132 -14.59 -20.35 -3.15
N GLY A 133 -15.69 -20.68 -3.85
CA GLY A 133 -16.84 -19.81 -3.90
C GLY A 133 -16.69 -18.60 -4.80
N MET A 134 -15.74 -18.62 -5.72
CA MET A 134 -15.42 -17.41 -6.47
C MET A 134 -16.51 -17.08 -7.48
N VAL A 135 -16.85 -15.79 -7.54
N VAL A 135 -16.86 -15.80 -7.54
CA VAL A 135 -17.80 -15.24 -8.50
CA VAL A 135 -17.78 -15.26 -8.53
C VAL A 135 -17.10 -14.08 -9.21
C VAL A 135 -17.10 -14.10 -9.22
N PHE A 136 -17.34 -13.96 -10.51
CA PHE A 136 -16.75 -12.92 -11.35
C PHE A 136 -17.83 -11.96 -11.81
N PHE A 137 -17.52 -10.66 -11.74
CA PHE A 137 -18.48 -9.63 -12.12
C PHE A 137 -18.08 -8.98 -13.42
N MET B 1 14.17 -6.07 -12.16
CA MET B 1 13.83 -4.64 -11.89
C MET B 1 12.35 -4.51 -11.56
N LEU B 2 12.04 -3.75 -10.52
CA LEU B 2 10.65 -3.58 -10.11
C LEU B 2 10.04 -2.41 -10.89
N SER B 3 8.81 -2.60 -11.36
CA SER B 3 8.21 -1.64 -12.28
C SER B 3 7.00 -0.92 -11.73
N GLY B 4 6.61 -1.15 -10.48
CA GLY B 4 5.52 -0.43 -9.88
C GLY B 4 4.90 -1.24 -8.77
N LEU B 5 3.80 -0.69 -8.23
CA LEU B 5 3.00 -1.45 -7.28
C LEU B 5 2.12 -2.41 -8.07
N ASN B 6 2.25 -3.70 -7.77
CA ASN B 6 1.42 -4.70 -8.43
C ASN B 6 0.04 -4.77 -7.79
N HIS B 7 -0.02 -4.90 -6.47
CA HIS B 7 -1.30 -4.86 -5.77
C HIS B 7 -1.10 -4.49 -4.31
N LEU B 8 -2.17 -3.95 -3.72
CA LEU B 8 -2.26 -3.67 -2.30
C LEU B 8 -3.27 -4.64 -1.72
N THR B 9 -2.88 -5.39 -0.69
CA THR B 9 -3.79 -6.31 -0.02
C THR B 9 -4.02 -5.83 1.40
N LEU B 10 -5.28 -5.65 1.75
CA LEU B 10 -5.69 -5.28 3.09
C LEU B 10 -6.36 -6.47 3.75
N ALA B 11 -5.85 -6.86 4.91
CA ALA B 11 -6.54 -7.86 5.72
C ALA B 11 -7.78 -7.23 6.35
N VAL B 12 -8.91 -7.94 6.28
CA VAL B 12 -10.17 -7.44 6.79
C VAL B 12 -10.79 -8.45 7.73
N SER B 13 -11.49 -7.97 8.76
CA SER B 13 -12.11 -8.85 9.73
C SER B 13 -13.48 -9.37 9.27
N GLN B 14 -14.20 -8.59 8.46
CA GLN B 14 -15.51 -8.98 7.97
C GLN B 14 -15.59 -8.55 6.50
N LEU B 15 -15.79 -9.52 5.61
CA LEU B 15 -15.67 -9.21 4.18
C LEU B 15 -16.80 -8.30 3.70
N ALA B 16 -18.03 -8.56 4.13
CA ALA B 16 -19.15 -7.79 3.58
C ALA B 16 -19.04 -6.29 3.87
N PRO B 17 -18.82 -5.84 5.10
CA PRO B 17 -18.68 -4.39 5.30
C PRO B 17 -17.48 -3.79 4.59
N SER B 18 -16.41 -4.57 4.43
CA SER B 18 -15.25 -4.04 3.71
C SER B 18 -15.56 -3.88 2.23
N VAL B 19 -16.25 -4.84 1.64
CA VAL B 19 -16.66 -4.68 0.24
C VAL B 19 -17.59 -3.48 0.10
N ALA B 20 -18.54 -3.32 1.02
CA ALA B 20 -19.44 -2.17 0.94
C ALA B 20 -18.67 -0.86 1.00
N PHE B 21 -17.67 -0.80 1.89
CA PHE B 21 -16.87 0.41 2.04
C PHE B 21 -16.10 0.75 0.77
N TYR B 22 -15.36 -0.22 0.23
CA TYR B 22 -14.50 0.08 -0.92
C TYR B 22 -15.29 0.20 -2.21
N GLN B 23 -16.29 -0.66 -2.42
CA GLN B 23 -17.07 -0.62 -3.64
C GLN B 23 -18.13 0.48 -3.60
N GLN B 24 -19.02 0.43 -2.62
CA GLN B 24 -20.17 1.34 -2.64
C GLN B 24 -19.79 2.73 -2.15
N LEU B 25 -19.14 2.83 -1.00
CA LEU B 25 -18.82 4.16 -0.47
C LEU B 25 -17.70 4.82 -1.29
N LEU B 26 -16.59 4.11 -1.50
N LEU B 26 -16.60 4.11 -1.51
CA LEU B 26 -15.46 4.71 -2.19
CA LEU B 26 -15.45 4.69 -2.19
C LEU B 26 -15.57 4.66 -3.71
C LEU B 26 -15.51 4.58 -3.71
N GLY B 27 -16.50 3.87 -4.25
CA GLY B 27 -16.69 3.80 -5.69
C GLY B 27 -15.73 2.93 -6.47
N MET B 28 -14.98 2.06 -5.84
CA MET B 28 -14.08 1.19 -6.59
C MET B 28 -14.87 0.08 -7.30
N THR B 29 -14.25 -0.48 -8.32
CA THR B 29 -14.89 -1.49 -9.16
C THR B 29 -14.61 -2.88 -8.59
N LEU B 30 -15.67 -3.63 -8.32
CA LEU B 30 -15.55 -4.99 -7.81
C LEU B 30 -15.46 -5.96 -8.99
N HIS B 31 -14.36 -6.68 -9.08
CA HIS B 31 -14.14 -7.61 -10.18
C HIS B 31 -14.47 -9.05 -9.82
N ALA B 32 -14.22 -9.46 -8.58
CA ALA B 32 -14.47 -10.84 -8.18
C ALA B 32 -14.54 -10.88 -6.66
N ARG B 33 -15.26 -11.88 -6.15
CA ARG B 33 -15.35 -12.10 -4.73
C ARG B 33 -15.40 -13.61 -4.50
N TRP B 34 -14.78 -14.07 -3.42
CA TRP B 34 -14.82 -15.47 -3.05
C TRP B 34 -15.07 -15.55 -1.56
N ASP B 35 -15.12 -16.79 -1.03
CA ASP B 35 -15.51 -16.94 0.36
C ASP B 35 -14.60 -16.16 1.30
N SER B 36 -13.34 -15.94 0.92
CA SER B 36 -12.40 -15.30 1.83
C SER B 36 -11.72 -14.07 1.25
N GLY B 37 -12.31 -13.42 0.25
CA GLY B 37 -11.72 -12.17 -0.20
C GLY B 37 -12.42 -11.60 -1.42
N ALA B 38 -11.84 -10.53 -1.93
CA ALA B 38 -12.36 -9.84 -3.11
C ALA B 38 -11.24 -9.12 -3.83
N TYR B 39 -11.43 -8.92 -5.13
CA TYR B 39 -10.53 -8.12 -5.96
C TYR B 39 -11.30 -6.91 -6.47
N LEU B 40 -10.74 -5.72 -6.26
CA LEU B 40 -11.31 -4.49 -6.77
C LEU B 40 -10.23 -3.74 -7.53
N SER B 41 -10.64 -2.79 -8.34
CA SER B 41 -9.70 -1.88 -8.97
C SER B 41 -10.12 -0.44 -8.71
N CYS B 42 -9.13 0.45 -8.69
CA CYS B 42 -9.32 1.89 -8.49
C CYS B 42 -8.29 2.52 -9.41
N GLY B 43 -8.73 2.94 -10.60
CA GLY B 43 -7.74 3.31 -11.60
C GLY B 43 -6.82 2.14 -11.87
N ASP B 44 -5.52 2.38 -11.85
N ASP B 44 -5.51 2.40 -11.84
CA ASP B 44 -4.54 1.32 -12.06
CA ASP B 44 -4.50 1.37 -12.05
C ASP B 44 -4.17 0.58 -10.79
C ASP B 44 -4.31 0.48 -10.83
N LEU B 45 -4.82 0.89 -9.66
CA LEU B 45 -4.63 0.10 -8.44
C LEU B 45 -5.45 -1.19 -8.44
N TRP B 46 -4.76 -2.31 -8.22
CA TRP B 46 -5.39 -3.59 -7.92
C TRP B 46 -5.41 -3.72 -6.40
N LEU B 47 -6.61 -3.74 -5.84
CA LEU B 47 -6.82 -3.88 -4.42
C LEU B 47 -7.38 -5.26 -4.13
N CYS B 48 -6.78 -5.95 -3.16
N CYS B 48 -6.78 -5.94 -3.15
CA CYS B 48 -7.30 -7.22 -2.67
CA CYS B 48 -7.28 -7.21 -2.65
C CYS B 48 -7.74 -7.04 -1.23
C CYS B 48 -7.74 -7.02 -1.22
N LEU B 49 -8.97 -7.44 -0.93
CA LEU B 49 -9.45 -7.55 0.44
C LEU B 49 -9.34 -9.02 0.81
N SER B 50 -8.62 -9.33 1.87
CA SER B 50 -8.38 -10.70 2.28
C SER B 50 -8.97 -10.91 3.67
N LEU B 51 -9.98 -11.77 3.76
CA LEU B 51 -10.59 -12.07 5.04
C LEU B 51 -9.57 -12.76 5.94
N ASP B 52 -9.35 -12.20 7.11
CA ASP B 52 -8.27 -12.68 7.98
C ASP B 52 -8.72 -12.61 9.44
N PRO B 53 -8.94 -13.75 10.11
N PRO B 53 -8.95 -13.76 10.08
CA PRO B 53 -9.37 -13.67 11.51
CA PRO B 53 -9.24 -13.74 11.53
C PRO B 53 -8.33 -13.06 12.44
C PRO B 53 -8.16 -13.07 12.35
N GLN B 54 -7.09 -12.88 11.96
N GLN B 54 -6.96 -12.89 11.81
CA GLN B 54 -6.08 -12.19 12.74
CA GLN B 54 -5.91 -12.17 12.52
C GLN B 54 -6.19 -10.68 12.64
C GLN B 54 -6.24 -10.70 12.68
N ARG B 55 -7.04 -10.15 11.77
CA ARG B 55 -7.19 -8.70 11.67
C ARG B 55 -7.98 -8.19 12.87
N ARG B 56 -7.41 -7.24 13.61
N ARG B 56 -7.40 -7.24 13.61
CA ARG B 56 -8.08 -6.58 14.71
CA ARG B 56 -8.07 -6.56 14.70
C ARG B 56 -8.60 -5.23 14.23
C ARG B 56 -8.61 -5.24 14.21
N VAL B 57 -9.78 -4.85 14.70
CA VAL B 57 -10.30 -3.52 14.43
C VAL B 57 -9.48 -2.58 15.33
N THR B 58 -8.63 -1.77 14.71
CA THR B 58 -7.52 -1.16 15.42
C THR B 58 -7.71 0.33 15.54
N PRO B 59 -7.84 0.88 16.75
CA PRO B 59 -7.96 2.33 16.88
C PRO B 59 -6.72 3.01 16.33
N PRO B 60 -6.87 4.23 15.80
CA PRO B 60 -5.72 4.89 15.15
C PRO B 60 -4.59 5.21 16.11
N GLU B 61 -4.88 5.41 17.40
CA GLU B 61 -3.83 5.63 18.36
C GLU B 61 -2.96 4.40 18.57
N GLU B 62 -3.43 3.22 18.16
CA GLU B 62 -2.72 1.97 18.41
C GLU B 62 -2.00 1.43 17.18
N SER B 63 -2.08 2.13 16.06
CA SER B 63 -1.32 1.74 14.88
C SER B 63 -0.34 2.84 14.53
N ASP B 64 0.70 2.47 13.78
CA ASP B 64 1.71 3.43 13.36
C ASP B 64 1.19 4.20 12.15
N TYR B 65 2.06 5.02 11.57
CA TYR B 65 1.69 5.99 10.54
C TYR B 65 1.59 5.38 9.15
N THR B 66 1.82 4.08 8.98
CA THR B 66 1.66 3.45 7.69
C THR B 66 0.27 3.73 7.15
N HIS B 67 0.20 4.20 5.90
CA HIS B 67 -1.11 4.56 5.35
C HIS B 67 -1.10 4.53 3.83
N TYR B 68 -2.32 4.54 3.27
CA TYR B 68 -2.56 4.33 1.84
C TYR B 68 -3.38 5.51 1.33
N ALA B 69 -2.82 6.26 0.40
CA ALA B 69 -3.45 7.46 -0.13
C ALA B 69 -3.95 7.22 -1.54
N PHE B 70 -5.20 7.60 -1.81
CA PHE B 70 -5.82 7.48 -3.12
C PHE B 70 -5.87 8.85 -3.79
N SER B 71 -5.69 8.85 -5.10
CA SER B 71 -5.71 10.10 -5.85
C SER B 71 -7.14 10.53 -6.15
N ILE B 72 -7.35 11.84 -6.10
CA ILE B 72 -8.61 12.46 -6.47
C ILE B 72 -8.26 13.85 -6.98
N SER B 73 -9.08 14.37 -7.89
CA SER B 73 -8.82 15.70 -8.40
C SER B 73 -9.18 16.74 -7.35
N GLU B 74 -8.56 17.92 -7.47
CA GLU B 74 -8.92 19.02 -6.58
C GLU B 74 -10.40 19.34 -6.70
N ALA B 75 -10.93 19.30 -7.92
CA ALA B 75 -12.33 19.65 -8.13
C ALA B 75 -13.28 18.70 -7.42
N ASP B 76 -12.90 17.43 -7.28
CA ASP B 76 -13.77 16.43 -6.68
C ASP B 76 -13.53 16.25 -5.17
N PHE B 77 -12.44 16.81 -4.65
CA PHE B 77 -11.99 16.50 -3.30
C PHE B 77 -13.06 16.83 -2.25
N ALA B 78 -13.61 18.04 -2.29
CA ALA B 78 -14.46 18.50 -1.19
C ALA B 78 -15.75 17.69 -1.11
N SER B 79 -16.36 17.38 -2.25
N SER B 79 -16.35 17.40 -2.27
CA SER B 79 -17.60 16.60 -2.19
CA SER B 79 -17.57 16.59 -2.28
C SER B 79 -17.33 15.16 -1.77
C SER B 79 -17.32 15.20 -1.74
N PHE B 80 -16.16 14.61 -2.10
CA PHE B 80 -15.87 13.26 -1.65
C PHE B 80 -15.62 13.24 -0.14
N ALA B 81 -14.89 14.23 0.37
CA ALA B 81 -14.72 14.34 1.80
C ALA B 81 -16.06 14.48 2.50
N ALA B 82 -16.97 15.26 1.92
CA ALA B 82 -18.30 15.45 2.52
C ALA B 82 -19.09 14.14 2.51
N ARG B 83 -18.92 13.33 1.46
CA ARG B 83 -19.56 12.03 1.41
C ARG B 83 -19.08 11.13 2.54
N LEU B 84 -17.78 11.09 2.77
CA LEU B 84 -17.24 10.31 3.87
C LEU B 84 -17.75 10.83 5.21
N GLU B 85 -17.82 12.14 5.37
N GLU B 85 -17.82 12.14 5.37
CA GLU B 85 -18.34 12.72 6.60
CA GLU B 85 -18.34 12.72 6.61
C GLU B 85 -19.81 12.35 6.82
C GLU B 85 -19.81 12.35 6.82
N ALA B 86 -20.62 12.42 5.76
CA ALA B 86 -22.03 12.06 5.89
C ALA B 86 -22.17 10.60 6.32
N ALA B 87 -21.30 9.74 5.79
CA ALA B 87 -21.28 8.32 6.12
C ALA B 87 -20.73 8.04 7.51
N GLY B 88 -20.27 9.07 8.23
CA GLY B 88 -19.77 8.87 9.57
C GLY B 88 -18.38 8.27 9.65
N VAL B 89 -17.59 8.39 8.58
CA VAL B 89 -16.26 7.83 8.55
C VAL B 89 -15.31 8.69 9.38
N ALA B 90 -14.58 8.05 10.28
CA ALA B 90 -13.72 8.78 11.21
C ALA B 90 -12.47 9.32 10.53
N VAL B 91 -12.04 10.50 10.97
CA VAL B 91 -10.79 11.13 10.54
C VAL B 91 -9.73 10.86 11.59
N TRP B 92 -8.51 10.57 11.14
CA TRP B 92 -7.43 10.26 12.07
C TRP B 92 -6.33 11.31 12.12
N LYS B 93 -6.41 12.38 11.33
CA LYS B 93 -5.37 13.39 11.25
C LYS B 93 -5.92 14.57 10.46
N LEU B 94 -5.48 15.78 10.82
CA LEU B 94 -5.77 16.96 10.01
C LEU B 94 -4.62 17.23 9.04
N ASN B 95 -4.96 17.84 7.91
CA ASN B 95 -3.94 18.16 6.90
C ASN B 95 -3.12 19.38 7.31
N ARG B 96 -1.78 19.23 7.27
CA ARG B 96 -0.86 20.33 7.54
C ARG B 96 0.28 20.40 6.52
N SER B 97 0.13 19.74 5.38
N SER B 97 0.13 19.77 5.36
CA SER B 97 1.16 19.68 4.34
CA SER B 97 1.16 19.76 4.34
C SER B 97 0.58 20.23 3.03
C SER B 97 0.55 20.12 3.00
N GLU B 98 1.40 20.23 1.98
CA GLU B 98 0.97 20.81 0.72
C GLU B 98 0.09 19.83 -0.03
N GLY B 99 -0.89 20.36 -0.74
CA GLY B 99 -1.85 19.53 -1.42
C GLY B 99 -2.97 19.10 -0.49
N ALA B 100 -4.20 19.16 -0.99
CA ALA B 100 -5.34 18.75 -0.18
C ALA B 100 -5.19 17.30 0.25
N SER B 101 -5.52 17.03 1.51
CA SER B 101 -5.51 15.68 2.05
C SER B 101 -6.63 15.52 3.06
N HIS B 102 -7.34 14.40 2.97
CA HIS B 102 -8.36 14.00 3.93
C HIS B 102 -7.95 12.64 4.47
N TYR B 103 -7.79 12.55 5.79
CA TYR B 103 -7.24 11.35 6.43
C TYR B 103 -8.36 10.60 7.13
N PHE B 104 -8.69 9.40 6.65
CA PHE B 104 -9.87 8.69 7.12
C PHE B 104 -9.56 7.22 7.34
N LEU B 105 -10.42 6.56 8.13
CA LEU B 105 -10.21 5.18 8.54
C LEU B 105 -11.20 4.25 7.84
N ASP B 106 -10.74 3.06 7.47
CA ASP B 106 -11.59 2.00 6.95
C ASP B 106 -12.21 1.25 8.13
N PRO B 107 -13.12 0.31 7.86
CA PRO B 107 -13.86 -0.35 8.96
C PRO B 107 -12.96 -1.08 9.94
N ASP B 108 -11.77 -1.49 9.54
CA ASP B 108 -10.84 -2.19 10.42
C ASP B 108 -9.77 -1.28 10.98
N GLY B 109 -9.86 0.02 10.68
CA GLY B 109 -8.86 0.95 11.14
C GLY B 109 -7.67 1.11 10.23
N HIS B 110 -7.70 0.55 9.01
CA HIS B 110 -6.64 0.86 8.08
C HIS B 110 -6.64 2.37 7.83
N LYS B 111 -5.44 2.96 7.85
CA LYS B 111 -5.30 4.40 7.69
C LYS B 111 -5.26 4.75 6.21
N LEU B 112 -6.26 5.51 5.77
CA LEU B 112 -6.43 5.91 4.39
C LEU B 112 -6.32 7.43 4.27
N GLU B 113 -6.16 7.88 3.04
CA GLU B 113 -6.02 9.31 2.75
C GLU B 113 -6.54 9.54 1.34
N LEU B 114 -7.23 10.66 1.15
CA LEU B 114 -7.43 11.23 -0.17
C LEU B 114 -6.38 12.31 -0.33
N HIS B 115 -5.66 12.31 -1.45
CA HIS B 115 -4.65 13.33 -1.66
C HIS B 115 -4.72 13.86 -3.09
N VAL B 116 -4.55 15.18 -3.21
CA VAL B 116 -4.43 15.86 -4.49
C VAL B 116 -2.99 16.28 -4.65
N GLY B 117 -2.33 15.77 -5.69
CA GLY B 117 -0.97 16.16 -5.96
C GLY B 117 -0.02 14.99 -6.11
N SER B 118 0.95 15.15 -7.00
CA SER B 118 1.89 14.10 -7.35
C SER B 118 3.17 14.22 -6.55
N LEU B 119 4.04 13.23 -6.72
CA LEU B 119 5.40 13.33 -6.18
C LEU B 119 6.12 14.54 -6.73
N ALA B 120 5.97 14.81 -8.04
CA ALA B 120 6.65 15.96 -8.62
C ALA B 120 6.20 17.25 -7.95
N GLN B 121 4.91 17.38 -7.66
CA GLN B 121 4.42 18.57 -6.98
C GLN B 121 5.02 18.68 -5.59
N ARG B 122 5.08 17.57 -4.86
CA ARG B 122 5.67 17.58 -3.52
C ARG B 122 7.14 17.95 -3.58
N LEU B 123 7.88 17.37 -4.52
CA LEU B 123 9.30 17.69 -4.63
C LEU B 123 9.53 19.15 -4.97
N ALA B 124 8.69 19.71 -5.87
CA ALA B 124 8.84 21.12 -6.20
C ALA B 124 8.64 21.99 -4.97
N ALA B 125 7.61 21.69 -4.17
CA ALA B 125 7.37 22.45 -2.96
C ALA B 125 8.53 22.29 -1.98
N CYS B 126 9.08 21.08 -1.88
CA CYS B 126 10.18 20.83 -0.96
C CYS B 126 11.46 21.53 -1.38
N ARG B 127 11.70 21.64 -2.70
N ARG B 127 11.70 21.63 -2.69
CA ARG B 127 12.88 22.37 -3.16
CA ARG B 127 12.88 22.37 -3.15
C ARG B 127 12.80 23.84 -2.77
C ARG B 127 12.80 23.83 -2.72
N GLU B 128 11.61 24.43 -2.80
CA GLU B 128 11.43 25.81 -2.37
C GLU B 128 11.53 25.96 -0.86
N GLN B 129 11.11 24.94 -0.10
CA GLN B 129 11.03 25.02 1.36
C GLN B 129 11.43 23.67 1.92
N PRO B 130 12.72 23.37 1.95
CA PRO B 130 13.14 22.01 2.31
C PRO B 130 12.88 21.69 3.78
N TYR B 131 12.45 20.47 4.01
CA TYR B 131 12.32 19.98 5.37
C TYR B 131 13.69 19.96 6.05
N LYS B 132 13.67 19.86 7.38
CA LYS B 132 14.91 19.82 8.13
C LYS B 132 15.75 18.62 7.73
N GLY B 133 17.00 18.88 7.33
CA GLY B 133 17.91 17.84 6.91
C GLY B 133 17.72 17.35 5.51
N MET B 134 16.96 18.07 4.68
CA MET B 134 16.57 17.54 3.39
C MET B 134 17.68 17.64 2.36
N VAL B 135 17.87 16.54 1.63
N VAL B 135 17.93 16.55 1.66
CA VAL B 135 18.84 16.37 0.57
CA VAL B 135 18.84 16.54 0.53
C VAL B 135 18.09 15.80 -0.62
C VAL B 135 18.17 15.80 -0.61
N PHE B 136 18.43 16.26 -1.82
CA PHE B 136 17.80 15.78 -3.04
C PHE B 136 18.82 14.99 -3.85
N PHE B 137 18.33 14.08 -4.68
CA PHE B 137 19.19 13.21 -5.47
C PHE B 137 18.76 13.25 -6.93
#